data_1HLE
#
_entry.id   1HLE
#
_cell.length_a   121.370
_cell.length_b   103.570
_cell.length_c   80.930
_cell.angle_alpha   90.00
_cell.angle_beta   90.00
_cell.angle_gamma   90.00
#
_symmetry.space_group_name_H-M   'I 2 2 2'
#
loop_
_entity.id
_entity.type
_entity.pdbx_description
1 polymer 'HORSE LEUKOCYTE ELASTASE INHIBITOR'
2 polymer 'HORSE LEUKOCYTE ELASTASE INHIBITOR'
3 non-polymer 'CALCIUM ION'
4 water water
#
loop_
_entity_poly.entity_id
_entity_poly.type
_entity_poly.pdbx_seq_one_letter_code
_entity_poly.pdbx_strand_id
1 'polypeptide(L)'
;(ACE)MEQLSTANTHFAVDLFRALNESDPTGNIFISPLSISSALAMIFLGTRGNTAAQVSKALYFDTVEDIHSRFQSLNA
DINKPGAPYILKLANRLYGEKTYNFLADFLASTQKMYGAELASVDFQQAPEDARKEINEWVKGQTEGKIPELLVKGMVDN
MTKLVLVNAIYFKGNWQQKFMKEATRDAPFRLNKKDTKTVKMMYQKKKFPYNYIEDLKCRVLELPYQGKELSMIILLPDD
IEDESTGLEKIEKQLTLDKLREWTKPENLYLAEVNVHLPRFKLEESYDLTSHLARLGVQDLFNRGKADLSGMSGARDLFV
SKIIHKSFVDLNEEGTEAAAATAGTILLA
;
A
2 'polypeptide(L)' EENFNADHPFIFFIRHNPSANILFLGRFSSP B
#
# COMPACT_ATOMS: atom_id res chain seq x y z
N MET A 2 -4.15 -18.74 1.30
CA MET A 2 -4.03 -17.30 1.14
C MET A 2 -5.16 -16.73 0.30
N GLU A 3 -5.82 -17.65 -0.42
CA GLU A 3 -7.04 -17.46 -1.19
C GLU A 3 -8.02 -16.36 -0.74
N GLN A 4 -8.63 -16.52 0.43
CA GLN A 4 -9.65 -15.60 0.89
C GLN A 4 -9.06 -14.28 1.34
N LEU A 5 -7.91 -14.31 2.02
CA LEU A 5 -7.31 -13.09 2.50
C LEU A 5 -6.79 -12.19 1.36
N SER A 6 -6.23 -12.75 0.31
CA SER A 6 -5.68 -11.90 -0.73
C SER A 6 -6.80 -11.28 -1.54
N THR A 7 -7.89 -12.01 -1.72
CA THR A 7 -9.07 -11.47 -2.40
C THR A 7 -9.63 -10.27 -1.62
N ALA A 8 -9.74 -10.43 -0.31
CA ALA A 8 -10.21 -9.38 0.58
C ALA A 8 -9.32 -8.16 0.50
N ASN A 9 -8.02 -8.37 0.68
CA ASN A 9 -7.04 -7.29 0.65
C ASN A 9 -7.03 -6.56 -0.71
N THR A 10 -7.25 -7.31 -1.78
CA THR A 10 -7.24 -6.76 -3.13
C THR A 10 -8.53 -5.97 -3.41
N HIS A 11 -9.66 -6.46 -2.90
CA HIS A 11 -10.92 -5.75 -2.98
C HIS A 11 -10.84 -4.42 -2.24
N PHE A 12 -10.25 -4.41 -1.05
CA PHE A 12 -10.04 -3.16 -0.35
C PHE A 12 -9.08 -2.26 -1.15
N ALA A 13 -7.97 -2.81 -1.66
CA ALA A 13 -7.01 -2.03 -2.46
C ALA A 13 -7.70 -1.26 -3.59
N VAL A 14 -8.59 -1.94 -4.28
CA VAL A 14 -9.34 -1.37 -5.37
C VAL A 14 -10.31 -0.27 -4.87
N ASP A 15 -11.02 -0.54 -3.77
CA ASP A 15 -11.91 0.48 -3.17
C ASP A 15 -11.16 1.72 -2.74
N LEU A 16 -10.02 1.53 -2.08
CA LEU A 16 -9.27 2.69 -1.64
C LEU A 16 -8.64 3.45 -2.80
N PHE A 17 -8.22 2.76 -3.86
CA PHE A 17 -7.67 3.47 -5.02
C PHE A 17 -8.80 4.30 -5.67
N ARG A 18 -9.99 3.73 -5.78
CA ARG A 18 -11.12 4.47 -6.32
C ARG A 18 -11.44 5.76 -5.51
N ALA A 19 -11.47 5.66 -4.18
CA ALA A 19 -11.64 6.83 -3.32
C ALA A 19 -10.56 7.92 -3.47
N LEU A 20 -9.29 7.53 -3.58
CA LEU A 20 -8.17 8.46 -3.77
C LEU A 20 -8.25 9.12 -5.14
N ASN A 21 -8.72 8.37 -6.13
CA ASN A 21 -8.89 8.86 -7.48
C ASN A 21 -10.03 9.87 -7.55
N GLU A 22 -11.04 9.69 -6.71
CA GLU A 22 -12.12 10.66 -6.62
C GLU A 22 -11.61 11.99 -6.10
N SER A 23 -10.65 11.99 -5.18
CA SER A 23 -10.12 13.26 -4.73
C SER A 23 -9.07 13.84 -5.67
N ASP A 24 -8.41 13.00 -6.47
CA ASP A 24 -7.36 13.49 -7.36
C ASP A 24 -7.30 12.66 -8.61
N PRO A 25 -8.05 13.04 -9.62
CA PRO A 25 -8.14 12.18 -10.81
C PRO A 25 -6.96 12.23 -11.79
N THR A 26 -5.96 13.06 -11.53
CA THR A 26 -4.86 13.25 -12.50
C THR A 26 -3.47 13.20 -11.88
N GLY A 27 -3.33 13.39 -10.59
CA GLY A 27 -2.00 13.38 -10.02
C GLY A 27 -1.49 11.95 -9.85
N ASN A 28 -0.23 11.85 -9.44
CA ASN A 28 0.38 10.58 -9.08
C ASN A 28 -0.30 10.05 -7.82
N ILE A 29 -0.50 8.74 -7.76
CA ILE A 29 -1.03 8.11 -6.55
C ILE A 29 -0.05 6.96 -6.24
N PHE A 30 0.37 6.80 -4.99
CA PHE A 30 1.17 5.63 -4.62
C PHE A 30 0.88 5.22 -3.18
N ILE A 31 0.33 4.02 -2.99
CA ILE A 31 0.04 3.50 -1.64
C ILE A 31 0.50 2.05 -1.46
N SER A 32 0.65 1.64 -0.21
CA SER A 32 0.75 0.24 0.07
C SER A 32 -0.57 -0.21 0.67
N PRO A 33 -1.44 -0.85 -0.12
CA PRO A 33 -2.69 -1.38 0.43
C PRO A 33 -2.47 -2.36 1.60
N LEU A 34 -1.45 -3.25 1.50
CA LEU A 34 -1.19 -4.24 2.56
C LEU A 34 -0.81 -3.58 3.87
N SER A 35 0.00 -2.53 3.79
CA SER A 35 0.30 -1.75 4.96
C SER A 35 -0.98 -1.19 5.64
N ILE A 36 -1.91 -0.62 4.84
CA ILE A 36 -3.13 -0.05 5.42
C ILE A 36 -4.04 -1.16 6.00
N SER A 37 -4.24 -2.24 5.25
CA SER A 37 -5.01 -3.37 5.75
C SER A 37 -4.42 -3.95 7.05
N SER A 38 -3.09 -3.93 7.21
CA SER A 38 -2.44 -4.45 8.40
C SER A 38 -2.73 -3.59 9.60
N ALA A 39 -2.62 -2.26 9.44
CA ALA A 39 -2.88 -1.36 10.56
C ALA A 39 -4.34 -1.46 11.00
N LEU A 40 -5.25 -1.57 10.03
CA LEU A 40 -6.66 -1.70 10.32
C LEU A 40 -7.03 -3.06 10.89
N ALA A 41 -6.31 -4.13 10.51
CA ALA A 41 -6.53 -5.47 11.10
C ALA A 41 -6.16 -5.47 12.59
N MET A 42 -5.08 -4.76 12.96
CA MET A 42 -4.72 -4.65 14.36
C MET A 42 -5.73 -3.81 15.15
N ILE A 43 -6.19 -2.72 14.55
CA ILE A 43 -7.26 -1.91 15.18
C ILE A 43 -8.54 -2.77 15.34
N PHE A 44 -8.92 -3.51 14.31
CA PHE A 44 -10.09 -4.36 14.31
C PHE A 44 -10.10 -5.40 15.45
N LEU A 45 -8.93 -5.90 15.83
CA LEU A 45 -8.83 -6.77 17.00
C LEU A 45 -9.44 -6.17 18.27
N GLY A 46 -9.32 -4.85 18.43
CA GLY A 46 -9.82 -4.21 19.64
C GLY A 46 -11.17 -3.53 19.53
N THR A 47 -11.79 -3.60 18.36
CA THR A 47 -13.07 -2.93 18.16
C THR A 47 -14.19 -3.88 18.47
N ARG A 48 -15.31 -3.32 18.90
CA ARG A 48 -16.50 -4.13 19.16
C ARG A 48 -17.69 -3.40 18.56
N GLY A 49 -18.83 -4.06 18.57
CA GLY A 49 -20.06 -3.36 18.25
C GLY A 49 -20.16 -2.97 16.80
N ASN A 50 -20.67 -1.77 16.55
CA ASN A 50 -20.92 -1.35 15.17
C ASN A 50 -19.64 -0.77 14.59
N THR A 51 -18.75 -0.31 15.45
CA THR A 51 -17.40 0.08 15.04
C THR A 51 -16.73 -1.13 14.32
N ALA A 52 -16.77 -2.31 14.94
CA ALA A 52 -16.13 -3.51 14.37
C ALA A 52 -16.80 -3.89 13.09
N ALA A 53 -18.12 -3.76 13.07
CA ALA A 53 -18.88 -4.23 11.94
C ALA A 53 -18.57 -3.37 10.75
N GLN A 54 -18.35 -2.08 11.01
CA GLN A 54 -18.06 -1.15 9.93
C GLN A 54 -16.66 -1.44 9.35
N VAL A 55 -15.67 -1.58 10.23
CA VAL A 55 -14.31 -1.93 9.82
C VAL A 55 -14.27 -3.26 9.04
N SER A 56 -14.91 -4.31 9.53
CA SER A 56 -14.81 -5.57 8.82
C SER A 56 -15.50 -5.57 7.48
N LYS A 57 -16.56 -4.78 7.32
CA LYS A 57 -17.27 -4.70 6.05
C LYS A 57 -16.42 -3.96 5.01
N ALA A 58 -15.88 -2.83 5.39
CA ALA A 58 -15.14 -1.95 4.47
C ALA A 58 -13.79 -2.55 4.08
N LEU A 59 -13.15 -3.22 5.05
CA LEU A 59 -11.88 -3.90 4.80
C LEU A 59 -12.06 -5.36 4.26
N TYR A 60 -13.31 -5.84 4.15
CA TYR A 60 -13.62 -7.19 3.69
C TYR A 60 -13.13 -8.30 4.62
N PHE A 61 -12.76 -7.95 5.85
CA PHE A 61 -12.33 -8.93 6.83
C PHE A 61 -13.44 -9.91 7.13
N ASP A 62 -14.67 -9.50 6.88
CA ASP A 62 -15.79 -10.36 7.19
C ASP A 62 -15.94 -11.42 6.13
N THR A 63 -15.11 -11.41 5.10
CA THR A 63 -15.23 -12.45 4.07
C THR A 63 -14.15 -13.53 4.26
N VAL A 64 -13.33 -13.38 5.30
CA VAL A 64 -12.19 -14.26 5.55
C VAL A 64 -12.43 -15.08 6.83
N GLU A 65 -12.43 -16.39 6.70
CA GLU A 65 -12.44 -17.25 7.87
C GLU A 65 -11.09 -17.19 8.52
N ASP A 66 -11.09 -16.97 9.82
CA ASP A 66 -9.88 -16.97 10.64
C ASP A 66 -8.93 -15.89 10.18
N ILE A 67 -9.49 -14.69 10.00
CA ILE A 67 -8.77 -13.58 9.42
C ILE A 67 -7.38 -13.37 10.06
N HIS A 68 -7.28 -13.39 11.38
CA HIS A 68 -6.04 -12.98 11.99
C HIS A 68 -4.99 -14.07 11.87
N SER A 69 -5.44 -15.32 11.76
CA SER A 69 -4.57 -16.47 11.56
C SER A 69 -4.00 -16.51 10.17
N ARG A 70 -4.82 -16.10 9.22
CA ARG A 70 -4.37 -16.01 7.86
C ARG A 70 -3.37 -14.90 7.71
N PHE A 71 -3.54 -13.79 8.44
CA PHE A 71 -2.57 -12.68 8.37
C PHE A 71 -1.26 -13.08 8.98
N GLN A 72 -1.32 -13.83 10.08
CA GLN A 72 -0.15 -14.39 10.75
C GLN A 72 0.67 -15.26 9.78
N SER A 73 -0.01 -16.12 9.04
CA SER A 73 0.65 -16.91 8.01
C SER A 73 1.26 -16.06 6.89
N LEU A 74 0.49 -15.05 6.42
CA LEU A 74 0.99 -14.10 5.41
C LEU A 74 2.23 -13.37 5.89
N ASN A 75 2.26 -12.91 7.15
CA ASN A 75 3.44 -12.20 7.66
C ASN A 75 4.68 -13.09 7.69
N ALA A 76 4.47 -14.36 8.01
CA ALA A 76 5.53 -15.36 8.10
C ALA A 76 6.15 -15.57 6.70
N ASP A 77 5.32 -15.61 5.68
CA ASP A 77 5.80 -15.83 4.35
C ASP A 77 6.53 -14.60 3.77
N ILE A 78 5.92 -13.43 3.93
CA ILE A 78 6.53 -12.17 3.51
C ILE A 78 7.88 -11.89 4.15
N ASN A 79 8.00 -12.15 5.44
CA ASN A 79 9.24 -11.97 6.17
C ASN A 79 10.19 -13.21 6.17
N LYS A 80 9.93 -14.23 5.37
CA LYS A 80 10.81 -15.41 5.42
C LYS A 80 12.26 -15.03 5.19
N PRO A 81 13.16 -15.64 5.96
CA PRO A 81 14.59 -15.39 5.75
C PRO A 81 15.13 -16.14 4.53
N GLY A 82 16.25 -15.65 4.00
CA GLY A 82 16.98 -16.33 2.94
C GLY A 82 16.51 -16.07 1.52
N ALA A 83 15.71 -15.02 1.32
CA ALA A 83 15.18 -14.66 0.00
C ALA A 83 16.24 -13.83 -0.73
N PRO A 84 16.25 -13.84 -2.08
CA PRO A 84 17.19 -13.02 -2.86
C PRO A 84 16.82 -11.53 -3.04
N TYR A 85 15.91 -11.01 -2.20
CA TYR A 85 15.46 -9.63 -2.23
C TYR A 85 15.18 -9.26 -0.77
N ILE A 86 15.05 -7.97 -0.47
CA ILE A 86 14.75 -7.50 0.89
C ILE A 86 13.27 -7.19 0.89
N LEU A 87 12.54 -7.82 1.79
CA LEU A 87 11.12 -7.58 1.95
C LEU A 87 10.86 -7.72 3.47
N LYS A 88 10.36 -6.63 4.11
CA LYS A 88 10.08 -6.54 5.56
C LYS A 88 8.68 -5.97 5.78
N LEU A 89 7.89 -6.62 6.62
CA LEU A 89 6.56 -6.11 6.96
C LEU A 89 6.52 -6.20 8.47
N ALA A 90 6.52 -5.05 9.15
CA ALA A 90 6.64 -5.04 10.62
C ALA A 90 5.51 -4.22 11.27
N ASN A 91 5.10 -4.64 12.45
CA ASN A 91 4.01 -3.98 13.18
C ASN A 91 4.48 -3.65 14.56
N ARG A 92 3.94 -2.58 15.13
CA ARG A 92 4.34 -2.17 16.47
C ARG A 92 3.25 -1.34 17.12
N LEU A 93 3.21 -1.43 18.45
CA LEU A 93 2.23 -0.74 19.31
C LEU A 93 3.00 0.18 20.23
N TYR A 94 2.59 1.45 20.31
CA TYR A 94 3.19 2.38 21.26
C TYR A 94 2.05 2.82 22.19
N GLY A 95 2.22 2.56 23.47
CA GLY A 95 1.15 2.80 24.42
C GLY A 95 1.65 3.76 25.43
N GLU A 96 0.74 4.58 25.94
CA GLU A 96 1.05 5.50 27.02
C GLU A 96 1.48 4.65 28.23
N LYS A 97 2.62 4.99 28.82
CA LYS A 97 3.19 4.34 30.01
C LYS A 97 2.17 3.97 31.10
N THR A 98 1.30 4.95 31.39
CA THR A 98 0.36 4.95 32.53
C THR A 98 -1.03 4.39 32.20
N TYR A 99 -1.19 3.91 30.97
CA TYR A 99 -2.46 3.43 30.52
C TYR A 99 -2.55 1.91 30.66
N ASN A 100 -3.77 1.42 30.84
CA ASN A 100 -4.03 0.00 31.11
C ASN A 100 -4.67 -0.58 29.90
N PHE A 101 -4.10 -1.63 29.35
CA PHE A 101 -4.69 -2.28 28.19
C PHE A 101 -5.16 -3.68 28.58
N LEU A 102 -6.17 -4.21 27.89
CA LEU A 102 -6.59 -5.60 28.11
C LEU A 102 -5.51 -6.57 27.61
N ALA A 103 -5.25 -7.59 28.45
CA ALA A 103 -4.28 -8.64 28.16
C ALA A 103 -4.57 -9.34 26.83
N ASP A 104 -5.82 -9.66 26.56
CA ASP A 104 -6.11 -10.42 25.36
C ASP A 104 -5.81 -9.63 24.07
N PHE A 105 -6.01 -8.31 24.14
CA PHE A 105 -5.76 -7.44 22.99
C PHE A 105 -4.28 -7.44 22.71
N LEU A 106 -3.48 -7.18 23.72
CA LEU A 106 -2.04 -7.17 23.57
C LEU A 106 -1.45 -8.51 23.13
N ALA A 107 -1.92 -9.63 23.70
CA ALA A 107 -1.41 -10.97 23.36
C ALA A 107 -1.71 -11.29 21.89
N SER A 108 -2.93 -10.96 21.46
CA SER A 108 -3.31 -11.21 20.10
C SER A 108 -2.55 -10.38 19.07
N THR A 109 -2.30 -9.10 19.33
CA THR A 109 -1.59 -8.29 18.34
C THR A 109 -0.14 -8.80 18.25
N GLN A 110 0.40 -9.26 19.38
CA GLN A 110 1.75 -9.79 19.42
C GLN A 110 1.83 -11.16 18.72
N LYS A 111 0.93 -12.10 19.02
CA LYS A 111 0.93 -13.41 18.36
C LYS A 111 0.55 -13.42 16.89
N MET A 112 -0.44 -12.60 16.51
CA MET A 112 -0.96 -12.63 15.16
C MET A 112 -0.24 -11.69 14.22
N TYR A 113 0.29 -10.59 14.76
CA TYR A 113 0.86 -9.54 13.91
C TYR A 113 2.27 -9.27 14.21
N GLY A 114 2.79 -9.95 15.22
CA GLY A 114 4.16 -9.72 15.61
C GLY A 114 4.39 -8.33 16.16
N ALA A 115 3.35 -7.65 16.63
CA ALA A 115 3.54 -6.30 17.11
C ALA A 115 3.98 -6.33 18.54
N GLU A 116 5.17 -5.88 18.89
CA GLU A 116 5.45 -5.78 20.30
C GLU A 116 5.01 -4.41 20.85
N LEU A 117 4.79 -4.35 22.15
CA LEU A 117 4.36 -3.13 22.81
C LEU A 117 5.55 -2.35 23.30
N ALA A 118 5.68 -1.13 22.80
CA ALA A 118 6.61 -0.16 23.32
C ALA A 118 5.81 0.83 24.21
N SER A 119 6.36 1.10 25.38
CA SER A 119 5.75 1.98 26.36
C SER A 119 6.40 3.36 26.21
N VAL A 120 5.60 4.38 25.92
CA VAL A 120 6.16 5.74 25.75
C VAL A 120 5.39 6.74 26.63
N ASP A 121 5.96 7.92 26.78
CA ASP A 121 5.35 8.92 27.58
C ASP A 121 4.60 9.95 26.73
N PHE A 122 3.40 9.58 26.28
CA PHE A 122 2.57 10.51 25.54
C PHE A 122 2.07 11.66 26.41
N GLN A 123 1.81 11.37 27.68
CA GLN A 123 1.18 12.30 28.57
C GLN A 123 2.07 13.46 29.01
N GLN A 124 3.33 13.16 29.30
CA GLN A 124 4.26 14.21 29.71
C GLN A 124 5.21 14.64 28.61
N ALA A 125 5.50 13.76 27.65
CA ALA A 125 6.53 14.05 26.66
C ALA A 125 6.15 13.56 25.25
N PRO A 126 5.04 14.08 24.70
CA PRO A 126 4.57 13.55 23.41
C PRO A 126 5.53 13.78 22.25
N GLU A 127 6.42 14.77 22.35
CA GLU A 127 7.40 14.99 21.30
C GLU A 127 8.47 13.94 21.24
N ASP A 128 8.98 13.53 22.40
CA ASP A 128 9.94 12.42 22.51
C ASP A 128 9.30 11.14 22.01
N ALA A 129 8.04 10.91 22.40
CA ALA A 129 7.30 9.76 21.94
C ALA A 129 7.15 9.78 20.41
N ARG A 130 6.84 10.96 19.84
CA ARG A 130 6.67 11.11 18.38
C ARG A 130 7.98 10.74 17.67
N LYS A 131 9.08 11.26 18.21
CA LYS A 131 10.38 11.05 17.62
C LYS A 131 10.85 9.61 17.75
N GLU A 132 10.48 8.94 18.84
CA GLU A 132 10.75 7.53 18.96
C GLU A 132 10.00 6.70 17.93
N ILE A 133 8.72 6.96 17.75
CA ILE A 133 7.95 6.27 16.72
C ILE A 133 8.56 6.49 15.33
N ASN A 134 8.88 7.76 15.02
CA ASN A 134 9.41 8.14 13.71
C ASN A 134 10.76 7.52 13.41
N GLU A 135 11.60 7.43 14.44
CA GLU A 135 12.88 6.79 14.31
C GLU A 135 12.74 5.29 14.00
N TRP A 136 11.75 4.62 14.61
CA TRP A 136 11.52 3.21 14.36
C TRP A 136 11.11 2.97 12.90
N VAL A 137 10.16 3.79 12.41
CA VAL A 137 9.67 3.67 11.02
C VAL A 137 10.78 3.99 10.00
N LYS A 138 11.56 5.02 10.32
CA LYS A 138 12.71 5.39 9.54
C LYS A 138 13.69 4.18 9.43
N GLY A 139 13.97 3.51 10.56
CA GLY A 139 14.80 2.32 10.59
C GLY A 139 14.25 1.13 9.80
N GLN A 140 12.96 0.86 9.93
CA GLN A 140 12.27 -0.14 9.14
C GLN A 140 12.23 0.11 7.62
N THR A 141 12.23 1.38 7.21
CA THR A 141 12.11 1.71 5.80
C THR A 141 13.44 2.13 5.15
N GLU A 142 14.56 1.77 5.80
CA GLU A 142 15.92 2.12 5.34
C GLU A 142 16.03 3.61 4.99
N GLY A 143 15.38 4.42 5.82
CA GLY A 143 15.45 5.86 5.75
C GLY A 143 14.45 6.46 4.81
N LYS A 144 13.66 5.64 4.13
CA LYS A 144 12.80 6.20 3.15
C LYS A 144 11.54 6.88 3.68
N ILE A 145 11.11 6.58 4.91
CA ILE A 145 10.00 7.32 5.51
C ILE A 145 10.54 7.88 6.83
N PRO A 146 11.26 9.00 6.77
CA PRO A 146 11.94 9.51 7.96
C PRO A 146 11.07 10.26 9.01
N GLU A 147 9.87 10.69 8.64
CA GLU A 147 9.00 11.36 9.61
C GLU A 147 7.54 11.03 9.33
N LEU A 148 7.11 9.84 9.74
CA LEU A 148 5.73 9.44 9.50
C LEU A 148 4.72 10.41 10.19
N LEU A 149 5.02 10.80 11.42
CA LEU A 149 4.10 11.61 12.20
C LEU A 149 4.75 12.95 12.44
N VAL A 150 4.13 13.99 11.92
CA VAL A 150 4.64 15.35 12.09
C VAL A 150 4.09 15.94 13.37
N LYS A 151 4.70 17.04 13.85
CA LYS A 151 4.25 17.75 15.06
C LYS A 151 2.75 17.90 15.07
N GLY A 152 2.15 17.59 16.20
CA GLY A 152 0.71 17.74 16.29
C GLY A 152 -0.04 16.47 16.02
N MET A 153 0.60 15.46 15.42
CA MET A 153 -0.07 14.18 15.19
C MET A 153 -0.31 13.40 16.51
N VAL A 154 0.58 13.59 17.50
CA VAL A 154 0.37 13.01 18.83
C VAL A 154 0.44 14.13 19.83
N ASP A 155 -0.37 14.05 20.88
CA ASP A 155 -0.28 14.99 21.98
C ASP A 155 -0.41 14.25 23.30
N ASN A 156 -0.51 15.00 24.39
CA ASN A 156 -0.57 14.42 25.72
C ASN A 156 -1.86 13.67 26.02
N MET A 157 -2.77 13.67 25.07
CA MET A 157 -3.97 12.87 25.18
C MET A 157 -3.94 11.55 24.36
N THR A 158 -2.86 11.32 23.62
CA THR A 158 -2.68 10.08 22.86
C THR A 158 -2.44 8.93 23.83
N LYS A 159 -3.12 7.81 23.62
CA LYS A 159 -2.96 6.62 24.48
C LYS A 159 -2.28 5.48 23.76
N LEU A 160 -2.56 5.34 22.47
CA LEU A 160 -2.01 4.23 21.66
C LEU A 160 -1.75 4.67 20.19
N VAL A 161 -0.61 4.29 19.63
CA VAL A 161 -0.38 4.46 18.20
C VAL A 161 -0.05 3.09 17.64
N LEU A 162 -0.83 2.63 16.69
CA LEU A 162 -0.57 1.35 16.04
C LEU A 162 0.13 1.62 14.71
N VAL A 163 1.29 0.99 14.47
CA VAL A 163 2.14 1.31 13.30
C VAL A 163 2.46 0.08 12.48
N ASN A 164 2.26 0.16 11.18
CA ASN A 164 2.80 -0.83 10.24
C ASN A 164 3.84 -0.16 9.33
N ALA A 165 4.99 -0.81 9.09
CA ALA A 165 5.92 -0.34 8.05
C ALA A 165 6.17 -1.54 7.11
N ILE A 166 6.24 -1.26 5.80
CA ILE A 166 6.60 -2.27 4.80
C ILE A 166 7.77 -1.73 3.96
N TYR A 167 8.73 -2.61 3.68
CA TYR A 167 9.89 -2.21 2.92
C TYR A 167 10.22 -3.32 1.91
N PHE A 168 10.56 -2.89 0.69
CA PHE A 168 10.94 -3.77 -0.41
C PHE A 168 12.10 -3.19 -1.23
N LYS A 169 13.12 -4.01 -1.48
CA LYS A 169 14.14 -3.66 -2.45
C LYS A 169 14.53 -4.90 -3.20
N GLY A 170 14.27 -4.92 -4.50
CA GLY A 170 14.58 -6.11 -5.28
C GLY A 170 15.22 -5.68 -6.59
N ASN A 171 16.10 -6.51 -7.13
CA ASN A 171 16.66 -6.28 -8.47
C ASN A 171 15.69 -6.81 -9.46
N TRP A 172 15.61 -6.23 -10.66
CA TRP A 172 14.86 -6.87 -11.74
C TRP A 172 15.48 -8.22 -12.08
N GLN A 173 14.64 -9.17 -12.45
CA GLN A 173 15.09 -10.40 -13.05
C GLN A 173 15.89 -10.04 -14.34
N GLN A 174 15.34 -9.16 -15.17
CA GLN A 174 16.02 -8.61 -16.35
C GLN A 174 16.25 -7.12 -16.16
N LYS A 175 17.46 -6.70 -15.81
CA LYS A 175 17.79 -5.27 -15.66
C LYS A 175 17.90 -4.52 -16.97
N PHE A 176 17.65 -3.22 -16.91
CA PHE A 176 17.82 -2.33 -18.03
C PHE A 176 19.29 -1.92 -18.04
N MET A 177 19.85 -1.67 -19.21
CA MET A 177 21.22 -1.15 -19.28
C MET A 177 21.17 0.36 -19.21
N LYS A 178 21.94 0.92 -18.28
CA LYS A 178 21.94 2.37 -18.05
C LYS A 178 22.26 3.09 -19.35
N GLU A 179 23.09 2.46 -20.17
CA GLU A 179 23.58 3.12 -21.37
C GLU A 179 22.51 3.26 -22.42
N ALA A 180 21.44 2.47 -22.34
CA ALA A 180 20.32 2.63 -23.27
C ALA A 180 19.26 3.63 -22.81
N THR A 181 19.48 4.26 -21.67
CA THR A 181 18.49 5.18 -21.14
C THR A 181 18.68 6.57 -21.78
N ARG A 182 17.61 7.05 -22.41
CA ARG A 182 17.66 8.32 -23.13
C ARG A 182 16.53 9.23 -22.70
N ASP A 183 16.74 10.53 -22.82
CA ASP A 183 15.67 11.50 -22.62
C ASP A 183 14.61 11.29 -23.65
N ALA A 184 13.36 11.32 -23.22
CA ALA A 184 12.26 11.16 -24.12
C ALA A 184 11.06 11.87 -23.50
N PRO A 185 10.10 12.24 -24.33
CA PRO A 185 8.90 12.95 -23.87
C PRO A 185 7.83 12.06 -23.28
N PHE A 186 7.32 12.51 -22.14
CA PHE A 186 6.24 11.84 -21.45
C PHE A 186 5.03 12.72 -21.65
N ARG A 187 3.99 12.16 -22.22
CA ARG A 187 2.75 12.88 -22.44
C ARG A 187 1.82 12.73 -21.24
N LEU A 188 1.59 13.83 -20.53
CA LEU A 188 0.69 13.82 -19.35
C LEU A 188 -0.78 13.69 -19.75
N ASN A 189 -1.10 14.23 -20.92
CA ASN A 189 -2.46 14.27 -21.46
C ASN A 189 -2.29 14.56 -22.95
N LYS A 190 -3.38 14.89 -23.64
CA LYS A 190 -3.31 15.11 -25.08
C LYS A 190 -2.38 16.25 -25.58
N LYS A 191 -1.99 17.20 -24.73
CA LYS A 191 -1.06 18.21 -25.21
C LYS A 191 0.03 18.76 -24.27
N ASP A 192 0.09 18.31 -23.02
CA ASP A 192 1.26 18.66 -22.20
C ASP A 192 2.28 17.54 -22.26
N THR A 193 3.55 17.93 -22.22
CA THR A 193 4.65 17.00 -22.37
C THR A 193 5.72 17.40 -21.36
N LYS A 194 6.40 16.40 -20.81
CA LYS A 194 7.54 16.66 -19.95
C LYS A 194 8.60 15.61 -20.29
N THR A 195 9.86 15.97 -20.18
CA THR A 195 10.93 15.07 -20.57
C THR A 195 11.25 14.16 -19.40
N VAL A 196 11.34 12.85 -19.68
CA VAL A 196 11.74 11.85 -18.70
C VAL A 196 12.97 11.06 -19.16
N LYS A 197 13.68 10.44 -18.23
CA LYS A 197 14.71 9.45 -18.58
C LYS A 197 13.98 8.15 -18.89
N MET A 198 13.89 7.81 -20.16
CA MET A 198 13.25 6.60 -20.59
C MET A 198 14.27 5.44 -20.74
N MET A 199 14.04 4.38 -19.96
CA MET A 199 14.83 3.15 -19.99
C MET A 199 14.30 2.30 -21.10
N TYR A 200 15.18 1.47 -21.67
CA TYR A 200 14.80 0.60 -22.76
C TYR A 200 15.43 -0.78 -22.68
N GLN A 201 14.66 -1.81 -23.01
CA GLN A 201 15.23 -3.14 -23.25
C GLN A 201 14.22 -3.92 -24.04
N LYS A 202 14.68 -4.94 -24.73
CA LYS A 202 13.77 -5.87 -25.38
C LYS A 202 14.10 -7.27 -24.86
N LYS A 203 13.08 -7.92 -24.28
CA LYS A 203 13.25 -9.22 -23.64
C LYS A 203 11.87 -9.93 -23.70
N LYS A 204 11.85 -11.23 -23.41
CA LYS A 204 10.60 -11.96 -23.32
C LYS A 204 10.05 -11.72 -21.93
N PHE A 205 8.82 -11.23 -21.88
CA PHE A 205 8.13 -10.95 -20.60
C PHE A 205 6.72 -11.47 -20.76
N PRO A 206 6.05 -11.87 -19.63
CA PRO A 206 4.60 -12.14 -19.65
C PRO A 206 3.88 -10.88 -20.09
N TYR A 207 2.90 -11.05 -20.96
CA TYR A 207 2.35 -9.95 -21.71
C TYR A 207 0.92 -10.25 -22.12
N ASN A 208 0.14 -9.19 -22.27
CA ASN A 208 -1.14 -9.29 -22.94
C ASN A 208 -1.68 -7.94 -23.41
N TYR A 209 -2.40 -7.96 -24.52
CA TYR A 209 -3.15 -6.80 -24.96
C TYR A 209 -4.60 -7.11 -24.62
N ILE A 210 -5.20 -6.27 -23.78
CA ILE A 210 -6.64 -6.40 -23.45
C ILE A 210 -7.45 -5.72 -24.55
N GLU A 211 -7.67 -6.52 -25.56
CA GLU A 211 -8.49 -6.24 -26.72
C GLU A 211 -9.59 -5.21 -26.50
N ASP A 212 -10.52 -5.51 -25.61
CA ASP A 212 -11.70 -4.66 -25.45
C ASP A 212 -11.50 -3.36 -24.66
N LEU A 213 -10.36 -3.25 -24.01
CA LEU A 213 -10.04 -2.05 -23.27
C LEU A 213 -8.95 -1.25 -23.97
N LYS A 214 -8.42 -1.77 -25.08
CA LYS A 214 -7.26 -1.21 -25.77
C LYS A 214 -6.13 -0.84 -24.78
N CYS A 215 -5.64 -1.85 -24.09
CA CYS A 215 -4.72 -1.68 -22.98
C CYS A 215 -3.73 -2.82 -23.03
N ARG A 216 -2.46 -2.51 -22.76
CA ARG A 216 -1.43 -3.53 -22.63
C ARG A 216 -1.12 -3.80 -21.17
N VAL A 217 -0.80 -5.06 -20.87
CA VAL A 217 -0.41 -5.50 -19.54
C VAL A 217 0.98 -6.11 -19.63
N LEU A 218 1.87 -5.70 -18.75
CA LEU A 218 3.19 -6.25 -18.74
C LEU A 218 3.54 -6.67 -17.31
N GLU A 219 4.24 -7.79 -17.20
CA GLU A 219 4.77 -8.23 -15.92
C GLU A 219 6.28 -8.23 -15.97
N LEU A 220 6.89 -7.53 -15.02
CA LEU A 220 8.32 -7.45 -14.92
C LEU A 220 8.76 -8.13 -13.62
N PRO A 221 9.25 -9.39 -13.69
CA PRO A 221 9.63 -10.16 -12.49
C PRO A 221 10.81 -9.54 -11.80
N TYR A 222 10.83 -9.64 -10.47
CA TYR A 222 12.03 -9.31 -9.72
C TYR A 222 12.81 -10.59 -9.56
N GLN A 223 14.03 -10.47 -9.11
CA GLN A 223 14.92 -11.60 -8.92
C GLN A 223 14.32 -12.62 -7.95
N GLY A 224 14.15 -13.85 -8.41
CA GLY A 224 13.56 -14.90 -7.59
C GLY A 224 12.16 -15.19 -8.06
N LYS A 225 11.56 -14.21 -8.73
CA LYS A 225 10.19 -14.30 -9.27
C LYS A 225 9.09 -14.51 -8.21
N GLU A 226 9.40 -14.27 -6.94
CA GLU A 226 8.34 -14.24 -5.91
C GLU A 226 7.55 -12.93 -5.84
N LEU A 227 8.10 -11.85 -6.41
CA LEU A 227 7.37 -10.60 -6.60
C LEU A 227 7.56 -10.13 -8.03
N SER A 228 6.54 -9.48 -8.57
CA SER A 228 6.58 -8.91 -9.92
C SER A 228 6.01 -7.49 -9.87
N MET A 229 6.41 -6.62 -10.80
CA MET A 229 5.65 -5.42 -11.04
C MET A 229 4.76 -5.65 -12.24
N ILE A 230 3.49 -5.28 -12.11
CA ILE A 230 2.51 -5.40 -13.19
C ILE A 230 2.15 -3.97 -13.60
N ILE A 231 2.15 -3.71 -14.91
CA ILE A 231 1.89 -2.37 -15.45
C ILE A 231 0.78 -2.43 -16.49
N LEU A 232 -0.18 -1.53 -16.34
CA LEU A 232 -1.34 -1.47 -17.21
C LEU A 232 -1.22 -0.15 -17.95
N LEU A 233 -1.14 -0.24 -19.26
CA LEU A 233 -0.87 0.93 -20.10
C LEU A 233 -1.91 1.00 -21.23
N PRO A 234 -2.77 2.04 -21.22
CA PRO A 234 -3.64 2.31 -22.37
C PRO A 234 -2.86 2.37 -23.70
N ASP A 235 -3.50 2.00 -24.80
CA ASP A 235 -2.85 2.02 -26.10
C ASP A 235 -2.43 3.47 -26.49
N ASP A 236 -3.28 4.44 -26.15
CA ASP A 236 -2.92 5.84 -26.30
C ASP A 236 -3.70 6.63 -25.29
N ILE A 237 -3.37 7.91 -25.14
CA ILE A 237 -4.22 8.84 -24.40
C ILE A 237 -5.41 9.14 -25.29
N GLU A 238 -6.55 8.57 -24.93
CA GLU A 238 -7.76 8.73 -25.72
C GLU A 238 -8.91 9.22 -24.86
N ASP A 239 -8.62 10.23 -24.04
CA ASP A 239 -9.64 10.94 -23.30
C ASP A 239 -9.08 12.31 -22.97
N GLU A 240 -9.87 13.14 -22.33
CA GLU A 240 -9.43 14.50 -22.13
C GLU A 240 -8.56 14.72 -20.90
N SER A 241 -8.10 13.63 -20.26
CA SER A 241 -7.04 13.76 -19.25
C SER A 241 -5.85 12.82 -19.49
N THR A 242 -5.63 11.86 -18.58
CA THR A 242 -4.41 11.02 -18.53
C THR A 242 -4.36 9.85 -19.53
N GLY A 243 -5.53 9.44 -20.04
CA GLY A 243 -5.65 8.26 -20.88
C GLY A 243 -6.15 7.04 -20.09
N LEU A 244 -6.20 7.13 -18.77
CA LEU A 244 -6.56 5.98 -17.92
C LEU A 244 -8.03 5.94 -17.52
N GLU A 245 -8.82 6.93 -17.96
CA GLU A 245 -10.19 7.05 -17.46
C GLU A 245 -11.08 5.83 -17.63
N LYS A 246 -11.00 5.16 -18.77
CA LYS A 246 -11.82 3.97 -18.99
C LYS A 246 -11.41 2.79 -18.08
N ILE A 247 -10.09 2.61 -17.90
CA ILE A 247 -9.54 1.56 -17.03
C ILE A 247 -9.97 1.81 -15.58
N GLU A 248 -9.74 3.03 -15.09
CA GLU A 248 -10.13 3.40 -13.74
C GLU A 248 -11.61 3.29 -13.52
N LYS A 249 -12.37 3.59 -14.57
CA LYS A 249 -13.81 3.46 -14.55
C LYS A 249 -14.21 2.01 -14.27
N GLN A 250 -13.57 1.06 -14.94
CA GLN A 250 -13.96 -0.32 -14.72
C GLN A 250 -12.98 -1.17 -13.95
N LEU A 251 -12.21 -0.53 -13.09
CA LEU A 251 -11.33 -1.25 -12.17
C LEU A 251 -12.18 -1.91 -11.06
N THR A 252 -12.21 -3.24 -11.05
CA THR A 252 -12.85 -3.99 -9.98
C THR A 252 -11.89 -5.10 -9.61
N LEU A 253 -12.10 -5.69 -8.43
CA LEU A 253 -11.33 -6.83 -8.01
C LEU A 253 -11.33 -7.87 -9.14
N ASP A 254 -12.52 -8.06 -9.68
CA ASP A 254 -12.80 -9.09 -10.66
C ASP A 254 -12.05 -8.80 -11.99
N LYS A 255 -12.08 -7.56 -12.46
CA LYS A 255 -11.42 -7.24 -13.71
C LYS A 255 -9.91 -7.20 -13.56
N LEU A 256 -9.43 -6.62 -12.47
CA LEU A 256 -8.01 -6.58 -12.16
C LEU A 256 -7.44 -8.00 -12.18
N ARG A 257 -8.20 -8.94 -11.65
CA ARG A 257 -7.79 -10.34 -11.59
C ARG A 257 -7.74 -10.94 -12.98
N GLU A 258 -8.76 -10.68 -13.78
CA GLU A 258 -8.78 -11.20 -15.13
C GLU A 258 -7.68 -10.60 -16.00
N TRP A 259 -7.36 -9.33 -15.80
CA TRP A 259 -6.36 -8.67 -16.65
C TRP A 259 -4.93 -9.12 -16.36
N THR A 260 -4.63 -9.47 -15.11
CA THR A 260 -3.25 -9.63 -14.67
C THR A 260 -2.86 -11.01 -14.14
N LYS A 261 -3.85 -11.89 -14.00
CA LYS A 261 -3.68 -13.33 -13.69
C LYS A 261 -2.53 -13.86 -14.54
N PRO A 262 -1.58 -14.63 -13.94
CA PRO A 262 -0.51 -15.33 -14.68
C PRO A 262 -1.04 -16.17 -15.84
N GLU A 263 -2.16 -16.83 -15.58
CA GLU A 263 -2.85 -17.65 -16.58
C GLU A 263 -3.30 -16.86 -17.80
N ASN A 264 -3.49 -15.56 -17.64
CA ASN A 264 -3.95 -14.71 -18.74
C ASN A 264 -2.84 -13.92 -19.42
N LEU A 265 -1.60 -14.15 -19.00
CA LEU A 265 -0.47 -13.51 -19.65
C LEU A 265 0.30 -14.57 -20.44
N TYR A 266 0.88 -14.16 -21.55
CA TYR A 266 1.69 -15.06 -22.36
C TYR A 266 3.07 -14.44 -22.57
N LEU A 267 4.10 -15.28 -22.65
CA LEU A 267 5.44 -14.79 -22.91
C LEU A 267 5.56 -14.19 -24.33
N ALA A 268 6.02 -12.96 -24.41
CA ALA A 268 6.16 -12.29 -25.68
C ALA A 268 7.46 -11.52 -25.67
N GLU A 269 8.04 -11.34 -26.84
CA GLU A 269 9.24 -10.57 -26.98
C GLU A 269 8.80 -9.11 -27.08
N VAL A 270 9.14 -8.35 -26.05
CA VAL A 270 8.60 -7.00 -25.87
C VAL A 270 9.69 -5.97 -25.82
N ASN A 271 9.45 -4.89 -26.58
CA ASN A 271 10.24 -3.66 -26.48
C ASN A 271 9.66 -2.82 -25.34
N VAL A 272 10.40 -2.70 -24.24
CA VAL A 272 9.92 -1.99 -23.05
C VAL A 272 10.62 -0.65 -22.90
N HIS A 273 9.81 0.40 -22.92
CA HIS A 273 10.27 1.75 -22.66
C HIS A 273 9.55 2.12 -21.38
N LEU A 274 10.30 2.45 -20.34
CA LEU A 274 9.70 2.69 -19.04
C LEU A 274 10.49 3.84 -18.42
N PRO A 275 9.79 4.90 -17.94
CA PRO A 275 10.54 5.96 -17.27
C PRO A 275 11.17 5.54 -15.95
N ARG A 276 12.34 6.08 -15.73
CA ARG A 276 13.01 6.04 -14.44
C ARG A 276 12.19 7.06 -13.61
N PHE A 277 11.70 6.68 -12.43
CA PHE A 277 10.92 7.64 -11.60
C PHE A 277 10.95 7.38 -10.11
N LYS A 278 10.61 8.42 -9.35
CA LYS A 278 10.60 8.35 -7.90
C LYS A 278 9.42 9.15 -7.36
N LEU A 279 8.61 8.53 -6.48
CA LEU A 279 7.43 9.16 -5.88
C LEU A 279 7.53 9.09 -4.38
N GLU A 280 7.09 10.15 -3.72
CA GLU A 280 6.95 10.18 -2.29
C GLU A 280 5.60 10.82 -2.08
N GLU A 281 4.68 10.11 -1.44
CA GLU A 281 3.33 10.61 -1.28
C GLU A 281 2.96 10.55 0.20
N SER A 282 1.97 11.36 0.58
CA SER A 282 1.45 11.48 1.97
C SER A 282 -0.05 11.55 1.90
N TYR A 283 -0.74 10.79 2.75
CA TYR A 283 -2.19 10.79 2.74
C TYR A 283 -2.67 10.83 4.16
N ASP A 284 -3.72 11.61 4.36
CA ASP A 284 -4.50 11.50 5.57
C ASP A 284 -5.66 10.67 5.09
N LEU A 285 -5.67 9.41 5.48
CA LEU A 285 -6.75 8.52 5.03
C LEU A 285 -8.06 8.62 5.82
N THR A 286 -8.08 9.34 6.93
CA THR A 286 -9.27 9.40 7.79
C THR A 286 -10.59 9.66 7.03
N SER A 287 -10.67 10.71 6.22
CA SER A 287 -11.93 11.03 5.55
C SER A 287 -12.23 10.06 4.43
N HIS A 288 -11.20 9.54 3.76
CA HIS A 288 -11.44 8.58 2.67
C HIS A 288 -12.03 7.30 3.23
N LEU A 289 -11.51 6.88 4.39
CA LEU A 289 -12.00 5.69 5.08
C LEU A 289 -13.41 5.93 5.60
N ALA A 290 -13.69 7.12 6.11
CA ALA A 290 -15.06 7.48 6.52
C ALA A 290 -16.00 7.41 5.32
N ARG A 291 -15.54 7.90 4.16
CA ARG A 291 -16.37 7.83 2.97
C ARG A 291 -16.60 6.40 2.57
N LEU A 292 -15.65 5.51 2.86
CA LEU A 292 -15.77 4.09 2.54
C LEU A 292 -16.69 3.33 3.52
N GLY A 293 -17.07 3.97 4.62
CA GLY A 293 -18.02 3.35 5.52
C GLY A 293 -17.49 3.18 6.92
N VAL A 294 -16.25 3.59 7.15
CA VAL A 294 -15.64 3.47 8.48
C VAL A 294 -15.88 4.78 9.23
N GLN A 295 -17.03 4.81 9.91
CA GLN A 295 -17.52 6.02 10.53
C GLN A 295 -17.39 6.12 12.03
N ASP A 296 -17.95 5.18 12.78
CA ASP A 296 -17.92 5.25 14.25
C ASP A 296 -16.54 5.29 14.83
N LEU A 297 -15.61 4.58 14.17
CA LEU A 297 -14.23 4.47 14.63
C LEU A 297 -13.57 5.81 14.90
N PHE A 298 -13.88 6.80 14.05
CA PHE A 298 -13.26 8.14 14.10
C PHE A 298 -14.09 9.12 14.93
N ASN A 299 -15.28 8.69 15.33
CA ASN A 299 -16.24 9.50 16.06
C ASN A 299 -16.07 9.28 17.56
N ARG A 300 -15.58 10.32 18.21
CA ARG A 300 -15.42 10.41 19.66
C ARG A 300 -16.58 9.86 20.52
N GLY A 301 -17.81 10.07 20.06
CA GLY A 301 -18.97 9.60 20.84
C GLY A 301 -19.48 8.21 20.54
N LYS A 302 -19.14 7.71 19.36
CA LYS A 302 -19.71 6.48 18.85
C LYS A 302 -18.73 5.30 18.84
N ALA A 303 -17.43 5.59 18.82
CA ALA A 303 -16.37 4.55 18.71
C ALA A 303 -16.37 3.52 19.83
N ASP A 304 -16.40 2.25 19.46
CA ASP A 304 -16.30 1.20 20.43
C ASP A 304 -14.95 0.50 20.29
N LEU A 305 -14.00 0.88 21.14
CA LEU A 305 -12.70 0.23 21.16
C LEU A 305 -12.49 -0.47 22.54
N SER A 306 -13.57 -1.04 23.06
CA SER A 306 -13.52 -1.58 24.41
C SER A 306 -12.77 -2.93 24.39
N GLY A 307 -12.46 -3.45 23.21
CA GLY A 307 -11.59 -4.60 23.09
C GLY A 307 -10.15 -4.24 23.47
N MET A 308 -9.79 -2.96 23.48
CA MET A 308 -8.44 -2.58 23.86
C MET A 308 -8.24 -2.27 25.34
N SER A 309 -9.28 -1.79 26.00
CA SER A 309 -9.14 -1.40 27.42
C SER A 309 -10.41 -1.65 28.22
N GLY A 310 -11.37 -2.33 27.63
CA GLY A 310 -12.58 -2.74 28.35
C GLY A 310 -13.66 -1.67 28.48
N ALA A 311 -13.34 -0.45 28.05
CA ALA A 311 -14.26 0.69 28.14
C ALA A 311 -14.37 1.39 26.80
N ARG A 312 -15.46 2.10 26.62
CA ARG A 312 -15.62 2.93 25.43
C ARG A 312 -15.04 4.34 25.65
N ASP A 313 -13.77 4.41 26.09
CA ASP A 313 -13.11 5.68 26.31
C ASP A 313 -12.08 6.11 25.24
N LEU A 314 -11.90 5.28 24.22
CA LEU A 314 -10.92 5.58 23.18
C LEU A 314 -11.59 5.75 21.82
N PHE A 315 -10.96 6.53 20.94
CA PHE A 315 -11.37 6.59 19.52
C PHE A 315 -10.10 6.87 18.67
N VAL A 316 -10.22 6.66 17.37
CA VAL A 316 -9.12 6.88 16.43
C VAL A 316 -9.26 8.29 15.87
N SER A 317 -8.29 9.16 16.16
CA SER A 317 -8.38 10.48 15.56
C SER A 317 -7.97 10.54 14.09
N LYS A 318 -6.87 9.86 13.74
CA LYS A 318 -6.33 9.88 12.38
C LYS A 318 -5.70 8.55 11.95
N ILE A 319 -5.85 8.24 10.66
CA ILE A 319 -5.03 7.22 10.05
C ILE A 319 -4.25 7.89 8.92
N ILE A 320 -2.93 7.96 9.09
CA ILE A 320 -2.13 8.52 8.04
C ILE A 320 -1.16 7.50 7.37
N HIS A 321 -0.97 7.69 6.06
CA HIS A 321 -0.16 6.80 5.24
C HIS A 321 0.90 7.59 4.47
N LYS A 322 2.18 7.17 4.55
CA LYS A 322 3.23 7.77 3.72
C LYS A 322 3.90 6.66 2.91
N SER A 323 4.32 6.99 1.68
CA SER A 323 4.87 6.00 0.73
C SER A 323 5.99 6.59 -0.11
N PHE A 324 6.73 5.69 -0.76
CA PHE A 324 7.97 6.01 -1.45
C PHE A 324 8.24 4.89 -2.44
N VAL A 325 8.60 5.27 -3.66
CA VAL A 325 9.08 4.29 -4.64
C VAL A 325 10.14 4.93 -5.51
N ASP A 326 11.21 4.18 -5.74
CA ASP A 326 12.28 4.59 -6.61
C ASP A 326 12.48 3.46 -7.59
N LEU A 327 12.14 3.71 -8.85
CA LEU A 327 12.23 2.70 -9.89
C LEU A 327 13.33 3.12 -10.89
N ASN A 328 14.30 2.23 -11.12
CA ASN A 328 15.38 2.54 -12.04
C ASN A 328 15.84 1.29 -12.79
N GLU A 329 17.06 1.34 -13.35
CA GLU A 329 17.55 0.28 -14.23
C GLU A 329 17.79 -1.05 -13.51
N GLU A 330 18.24 -0.96 -12.26
CA GLU A 330 18.58 -2.12 -11.45
C GLU A 330 17.38 -2.85 -10.88
N GLY A 331 16.36 -2.09 -10.48
CA GLY A 331 15.20 -2.64 -9.77
C GLY A 331 14.30 -1.56 -9.18
N THR A 332 13.78 -1.82 -7.99
CA THR A 332 12.81 -0.94 -7.36
C THR A 332 13.06 -1.02 -5.86
N GLU A 333 13.10 0.15 -5.22
CA GLU A 333 13.05 0.24 -3.78
C GLU A 333 11.72 0.94 -3.40
N ALA A 334 10.86 0.29 -2.63
CA ALA A 334 9.54 0.83 -2.28
C ALA A 334 9.35 0.72 -0.77
N ALA A 335 8.77 1.74 -0.16
CA ALA A 335 8.53 1.74 1.28
C ALA A 335 7.19 2.42 1.57
N ALA A 336 6.55 2.02 2.67
CA ALA A 336 5.35 2.69 3.13
C ALA A 336 5.21 2.43 4.62
N ALA A 337 4.39 3.26 5.28
CA ALA A 337 4.07 3.11 6.70
C ALA A 337 2.72 3.78 6.97
N THR A 338 1.96 3.16 7.87
CA THR A 338 0.59 3.61 8.24
C THR A 338 0.54 3.69 9.76
N ALA A 339 0.06 4.83 10.29
CA ALA A 339 -0.12 4.97 11.74
C ALA A 339 -1.59 5.31 12.03
N GLY A 340 -2.17 4.63 13.03
CA GLY A 340 -3.51 4.92 13.51
C GLY A 340 -3.28 5.48 14.90
N THR A 341 -3.72 6.72 15.12
CA THR A 341 -3.54 7.37 16.42
C THR A 341 -4.83 7.30 17.24
N ILE A 342 -4.71 6.81 18.46
CA ILE A 342 -5.87 6.52 19.32
C ILE A 342 -5.79 7.46 20.50
N LEU A 343 -6.84 8.26 20.64
CA LEU A 343 -6.88 9.24 21.71
C LEU A 343 -8.05 8.92 22.64
N LEU A 344 -7.98 9.48 23.85
CA LEU A 344 -9.12 9.50 24.76
C LEU A 344 -10.29 10.29 24.15
N ALA A 345 -11.46 9.66 24.14
CA ALA A 345 -12.71 10.24 23.66
C ALA A 345 -13.28 11.27 24.67
N GLU B 1 7.04 -9.37 -32.19
CA GLU B 1 7.66 -8.34 -31.30
C GLU B 1 6.57 -7.38 -30.85
N GLU B 2 6.45 -7.16 -29.54
CA GLU B 2 5.44 -6.28 -29.01
C GLU B 2 6.11 -5.00 -28.59
N ASN B 3 5.31 -3.94 -28.41
CA ASN B 3 5.84 -2.67 -27.99
C ASN B 3 5.06 -2.19 -26.78
N PHE B 4 5.79 -1.87 -25.73
CA PHE B 4 5.21 -1.35 -24.49
C PHE B 4 5.99 -0.08 -24.22
N ASN B 5 5.54 1.02 -24.82
CA ASN B 5 6.21 2.31 -24.67
C ASN B 5 5.37 3.15 -23.70
N ALA B 6 5.83 3.18 -22.44
CA ALA B 6 5.11 3.83 -21.36
C ALA B 6 5.50 5.30 -21.27
N ASP B 7 5.11 6.06 -22.30
CA ASP B 7 5.38 7.50 -22.38
C ASP B 7 4.09 8.35 -22.17
N HIS B 8 3.18 7.79 -21.42
CA HIS B 8 1.94 8.43 -21.06
C HIS B 8 1.48 7.67 -19.81
N PRO B 9 0.55 8.25 -19.03
CA PRO B 9 0.16 7.67 -17.72
C PRO B 9 -0.21 6.18 -17.68
N PHE B 10 0.22 5.52 -16.60
CA PHE B 10 -0.07 4.10 -16.43
C PHE B 10 -0.32 3.79 -14.95
N ILE B 11 -1.02 2.68 -14.72
CA ILE B 11 -1.19 2.13 -13.37
C ILE B 11 -0.20 0.95 -13.19
N PHE B 12 0.38 0.84 -12.00
CA PHE B 12 1.36 -0.21 -11.71
C PHE B 12 1.17 -0.72 -10.28
N PHE B 13 1.50 -1.99 -10.06
CA PHE B 13 1.50 -2.51 -8.70
C PHE B 13 2.52 -3.59 -8.53
N ILE B 14 3.01 -3.74 -7.32
CA ILE B 14 3.94 -4.82 -6.99
C ILE B 14 3.15 -5.92 -6.29
N ARG B 15 3.13 -7.09 -6.90
CA ARG B 15 2.39 -8.24 -6.39
C ARG B 15 3.35 -9.28 -5.73
N HIS B 16 2.97 -9.77 -4.56
CA HIS B 16 3.63 -10.93 -3.96
C HIS B 16 3.02 -12.14 -4.65
N ASN B 17 3.77 -12.74 -5.57
CA ASN B 17 3.22 -13.81 -6.43
C ASN B 17 2.68 -15.08 -5.72
N PRO B 18 3.36 -15.60 -4.66
CA PRO B 18 2.82 -16.78 -3.98
C PRO B 18 1.42 -16.56 -3.36
N SER B 19 1.19 -15.40 -2.75
CA SER B 19 -0.08 -15.14 -2.10
C SER B 19 -1.06 -14.35 -2.95
N ALA B 20 -0.54 -13.78 -4.04
CA ALA B 20 -1.28 -12.86 -4.91
C ALA B 20 -1.64 -11.52 -4.25
N ASN B 21 -1.06 -11.22 -3.10
CA ASN B 21 -1.35 -9.94 -2.46
C ASN B 21 -0.61 -8.77 -3.14
N ILE B 22 -1.32 -7.66 -3.33
CA ILE B 22 -0.76 -6.40 -3.80
C ILE B 22 -0.08 -5.67 -2.66
N LEU B 23 1.23 -5.50 -2.77
CA LEU B 23 1.98 -4.82 -1.74
C LEU B 23 1.98 -3.30 -1.94
N PHE B 24 2.05 -2.85 -3.19
CA PHE B 24 2.13 -1.42 -3.52
C PHE B 24 1.33 -1.23 -4.80
N LEU B 25 0.67 -0.08 -4.93
CA LEU B 25 -0.23 0.16 -6.04
C LEU B 25 -0.19 1.66 -6.30
N GLY B 26 -0.07 2.01 -7.58
CA GLY B 26 0.12 3.39 -7.95
C GLY B 26 -0.32 3.74 -9.36
N ARG B 27 -0.33 5.04 -9.63
CA ARG B 27 -0.54 5.58 -10.96
C ARG B 27 0.61 6.58 -11.17
N PHE B 28 1.39 6.40 -12.23
CA PHE B 28 2.36 7.42 -12.59
C PHE B 28 1.78 8.27 -13.73
N SER B 29 1.50 9.53 -13.45
CA SER B 29 0.90 10.38 -14.47
C SER B 29 1.46 11.78 -14.54
N SER B 30 2.36 12.15 -13.62
CA SER B 30 2.94 13.49 -13.60
C SER B 30 4.37 13.36 -13.26
N PRO B 31 5.27 13.35 -14.27
CA PRO B 31 6.68 13.45 -13.94
C PRO B 31 7.02 14.77 -13.29
#